data_7D62
#
_entry.id   7D62
#
_cell.length_a   68.367
_cell.length_b   148.830
_cell.length_c   58.845
_cell.angle_alpha   90.00
_cell.angle_beta   90.00
_cell.angle_gamma   90.00
#
_symmetry.space_group_name_H-M   'P 21 21 2'
#
loop_
_entity.id
_entity.type
_entity.pdbx_description
1 polymer PggH
2 non-polymer 'MANGANESE (II) ION'
3 non-polymer 'SULFATE ION'
4 water water
#
_entity_poly.entity_id   1
_entity_poly.type   'polypeptide(L)'
_entity_poly.pdbx_seq_one_letter_code
;MGSSHHHHHHSQDPMSSLKYRLVTRSDFDGLVCAVLLKSIELIDDIQFVHPKDMQDGKVPITERDIITNLPYVANAHLVF
DHHHSETLRNKGERPNHIINPNAPSAARVVWEHYGGTKTFPFEWVEMMEAVDKGDSAQFTRDEVLDSTGWNLLNFLMDAR
TGLGRFHNFRISNYNLMMALIDHCTHASIDEILQLPDVKERVELYRKHETLFKEQIQRCGKVYQNLVLLDLTEEETIYAG
NRFIIYALYPQCNISIHKMWGFQKQNIVFATGKSIFDRSSRTNIGELMLKYGGGGHAAAGTCQIAIEDADRVEKALITQI
NADG
;
_entity_poly.pdbx_strand_id   A,B
#
loop_
_chem_comp.id
_chem_comp.type
_chem_comp.name
_chem_comp.formula
MN non-polymer 'MANGANESE (II) ION' 'Mn 2'
SO4 non-polymer 'SULFATE ION' 'O4 S -2'
#
# COMPACT_ATOMS: atom_id res chain seq x y z
N LYS A 19 4.97 -15.40 -37.61
CA LYS A 19 4.25 -14.80 -36.46
C LYS A 19 5.11 -13.86 -35.60
N TYR A 20 4.45 -13.08 -34.75
CA TYR A 20 5.03 -11.98 -34.03
C TYR A 20 4.79 -12.15 -32.54
N ARG A 21 5.52 -11.35 -31.78
CA ARG A 21 5.35 -11.24 -30.33
C ARG A 21 4.60 -9.95 -30.03
N LEU A 22 3.55 -10.05 -29.22
CA LEU A 22 2.83 -8.85 -28.78
C LEU A 22 3.45 -8.30 -27.51
N VAL A 23 3.75 -7.01 -27.51
CA VAL A 23 4.21 -6.29 -26.32
C VAL A 23 3.15 -5.27 -25.99
N THR A 24 2.51 -5.41 -24.83
CA THR A 24 1.41 -4.51 -24.47
C THR A 24 1.37 -4.38 -22.95
N ARG A 25 0.39 -3.64 -22.43
CA ARG A 25 0.16 -3.56 -20.99
C ARG A 25 -0.75 -4.68 -20.51
N SER A 26 -0.55 -5.09 -19.26
CA SER A 26 -1.42 -6.06 -18.60
C SER A 26 -2.73 -5.40 -18.14
N ASP A 27 -3.51 -4.94 -19.11
CA ASP A 27 -4.83 -4.37 -18.82
C ASP A 27 -5.82 -4.90 -19.84
N PHE A 28 -7.08 -4.47 -19.70
CA PHE A 28 -8.16 -4.89 -20.60
C PHE A 28 -7.84 -4.59 -22.06
N ASP A 29 -7.43 -3.35 -22.34
CA ASP A 29 -6.99 -3.00 -23.69
C ASP A 29 -5.97 -4.01 -24.21
N GLY A 30 -4.96 -4.34 -23.38
CA GLY A 30 -3.96 -5.29 -23.81
C GLY A 30 -4.55 -6.65 -24.10
N LEU A 31 -5.44 -7.12 -23.22
CA LEU A 31 -6.11 -8.39 -23.40
C LEU A 31 -6.90 -8.43 -24.72
N VAL A 32 -7.73 -7.41 -24.98
CA VAL A 32 -8.51 -7.40 -26.20
C VAL A 32 -7.60 -7.35 -27.42
N CYS A 33 -6.52 -6.57 -27.37
CA CYS A 33 -5.57 -6.53 -28.49
C CYS A 33 -5.03 -7.92 -28.79
N ALA A 34 -4.66 -8.64 -27.74
CA ALA A 34 -4.11 -9.98 -27.94
C ALA A 34 -5.15 -10.91 -28.55
N VAL A 35 -6.41 -10.76 -28.13
CA VAL A 35 -7.49 -11.58 -28.69
C VAL A 35 -7.62 -11.33 -30.20
N LEU A 36 -7.70 -10.05 -30.57
CA LEU A 36 -7.83 -9.71 -31.99
C LEU A 36 -6.66 -10.22 -32.82
N LEU A 37 -5.43 -9.99 -32.34
CA LEU A 37 -4.25 -10.40 -33.12
C LEU A 37 -4.10 -11.91 -33.13
N LYS A 38 -4.46 -12.57 -32.03
CA LYS A 38 -4.42 -14.04 -32.03
C LYS A 38 -5.47 -14.62 -32.95
N SER A 39 -6.63 -13.97 -33.06
CA SER A 39 -7.70 -14.54 -33.86
C SER A 39 -7.35 -14.53 -35.35
N ILE A 40 -6.51 -13.59 -35.80
CA ILE A 40 -6.05 -13.58 -37.19
C ILE A 40 -4.65 -14.19 -37.31
N GLU A 41 -4.24 -14.98 -36.32
CA GLU A 41 -3.03 -15.81 -36.37
C GLU A 41 -1.77 -14.98 -36.58
N LEU A 42 -1.75 -13.78 -36.02
CA LEU A 42 -0.59 -12.90 -36.16
C LEU A 42 0.42 -13.05 -35.03
N ILE A 43 0.03 -13.49 -33.84
CA ILE A 43 0.97 -13.53 -32.72
C ILE A 43 1.03 -14.93 -32.10
N ASP A 44 2.21 -15.25 -31.57
CA ASP A 44 2.41 -16.52 -30.86
C ASP A 44 3.22 -16.36 -29.57
N ASP A 45 3.41 -15.14 -29.08
CA ASP A 45 4.00 -14.90 -27.76
C ASP A 45 3.56 -13.51 -27.33
N ILE A 46 3.58 -13.28 -26.03
CA ILE A 46 3.10 -12.00 -25.49
C ILE A 46 3.99 -11.61 -24.32
N GLN A 47 4.24 -10.32 -24.19
CA GLN A 47 5.03 -9.79 -23.09
C GLN A 47 4.26 -8.59 -22.55
N PHE A 48 4.00 -8.59 -21.24
CA PHE A 48 3.35 -7.48 -20.56
C PHE A 48 4.39 -6.58 -19.93
N VAL A 49 4.27 -5.28 -20.16
CA VAL A 49 5.22 -4.29 -19.64
C VAL A 49 4.44 -3.03 -19.28
N HIS A 50 5.10 -2.15 -18.44
CA HIS A 50 4.51 -0.85 -18.10
C HIS A 50 5.12 0.22 -19.00
N PRO A 51 4.39 1.28 -19.37
CA PRO A 51 5.01 2.36 -20.16
C PRO A 51 6.37 2.82 -19.65
N LYS A 52 6.57 2.88 -18.33
CA LYS A 52 7.82 3.45 -17.84
C LYS A 52 9.02 2.59 -18.23
N ASP A 53 8.84 1.27 -18.33
CA ASP A 53 9.95 0.43 -18.78
C ASP A 53 10.23 0.61 -20.27
N MET A 54 9.21 0.87 -21.09
CA MET A 54 9.46 1.22 -22.48
C MET A 54 10.22 2.53 -22.56
N GLN A 55 9.70 3.55 -21.87
CA GLN A 55 10.30 4.88 -21.92
C GLN A 55 11.73 4.85 -21.39
N ASP A 56 11.98 4.07 -20.34
CA ASP A 56 13.34 4.05 -19.79
C ASP A 56 14.27 3.11 -20.57
N GLY A 57 13.79 2.50 -21.64
CA GLY A 57 14.65 1.64 -22.45
C GLY A 57 15.00 0.32 -21.82
N LYS A 58 14.09 -0.27 -21.04
CA LYS A 58 14.36 -1.54 -20.38
C LYS A 58 13.76 -2.72 -21.11
N VAL A 59 13.13 -2.52 -22.24
CA VAL A 59 12.42 -3.59 -22.92
C VAL A 59 13.13 -3.85 -24.24
N PRO A 60 13.63 -5.06 -24.49
CA PRO A 60 14.26 -5.32 -25.80
C PRO A 60 13.17 -5.44 -26.86
N ILE A 61 13.16 -4.53 -27.82
CA ILE A 61 12.19 -4.55 -28.90
C ILE A 61 12.91 -4.92 -30.19
N THR A 62 12.36 -5.91 -30.92
CA THR A 62 12.91 -6.30 -32.21
C THR A 62 11.82 -6.25 -33.27
N GLU A 63 12.24 -6.50 -34.50
CA GLU A 63 11.32 -6.53 -35.63
C GLU A 63 10.33 -7.70 -35.56
N ARG A 64 10.50 -8.62 -34.61
CA ARG A 64 9.51 -9.65 -34.38
C ARG A 64 8.36 -9.20 -33.46
N ASP A 65 8.33 -7.93 -33.05
CA ASP A 65 7.41 -7.43 -32.05
C ASP A 65 6.33 -6.54 -32.64
N ILE A 66 5.11 -6.75 -32.16
CA ILE A 66 3.99 -5.84 -32.36
C ILE A 66 3.69 -5.19 -31.01
N ILE A 67 3.70 -3.86 -30.98
CA ILE A 67 3.46 -3.09 -29.76
C ILE A 67 2.06 -2.50 -29.83
N THR A 68 1.28 -2.63 -28.76
CA THR A 68 0.04 -1.87 -28.66
C THR A 68 -0.07 -1.16 -27.31
N ASN A 69 -0.68 0.03 -27.35
CA ASN A 69 -1.02 0.81 -26.15
C ASN A 69 0.21 1.10 -25.29
N LEU A 70 1.35 1.35 -25.94
CA LEU A 70 2.58 1.67 -25.23
C LEU A 70 3.31 2.77 -25.98
N PRO A 71 4.25 3.47 -25.34
CA PRO A 71 5.09 4.42 -26.07
C PRO A 71 5.80 3.77 -27.26
N TYR A 72 5.93 4.54 -28.33
CA TYR A 72 6.62 4.08 -29.53
C TYR A 72 8.09 3.75 -29.24
N VAL A 73 8.54 2.59 -29.72
CA VAL A 73 9.94 2.20 -29.70
C VAL A 73 10.31 1.75 -31.11
N ALA A 74 11.51 2.13 -31.55
CA ALA A 74 11.77 2.25 -32.98
C ALA A 74 11.83 0.91 -33.73
N ASN A 75 12.26 -0.16 -33.09
CA ASN A 75 12.62 -1.33 -33.91
C ASN A 75 11.46 -2.29 -34.19
N ALA A 76 10.23 -1.92 -33.86
CA ALA A 76 9.15 -2.91 -33.87
C ALA A 76 8.62 -3.16 -35.29
N HIS A 77 7.92 -4.28 -35.47
CA HIS A 77 7.19 -4.53 -36.71
C HIS A 77 6.04 -3.53 -36.88
N LEU A 78 5.21 -3.40 -35.86
CA LEU A 78 4.06 -2.49 -35.88
C LEU A 78 3.86 -1.95 -34.48
N VAL A 79 3.37 -0.70 -34.39
CA VAL A 79 3.06 -0.05 -33.12
C VAL A 79 1.66 0.55 -33.24
N PHE A 80 0.71 -0.01 -32.50
CA PHE A 80 -0.67 0.46 -32.49
C PHE A 80 -0.88 1.39 -31.28
N ASP A 81 -1.27 2.63 -31.54
CA ASP A 81 -1.36 3.63 -30.49
C ASP A 81 -2.60 4.50 -30.68
N HIS A 82 -3.18 4.95 -29.57
CA HIS A 82 -4.35 5.85 -29.63
C HIS A 82 -4.18 7.10 -28.76
N HIS A 83 -2.96 7.44 -28.37
CA HIS A 83 -2.72 8.60 -27.51
C HIS A 83 -2.28 9.80 -28.33
N HIS A 84 -2.60 10.99 -27.83
CA HIS A 84 -2.07 12.23 -28.41
C HIS A 84 -0.60 12.38 -28.05
N ARG A 94 8.28 6.03 -38.42
CA ARG A 94 6.95 6.53 -38.72
C ARG A 94 6.01 5.59 -39.49
N PRO A 95 6.48 4.88 -40.53
CA PRO A 95 5.51 4.09 -41.33
C PRO A 95 4.92 2.92 -40.56
N ASN A 96 5.67 2.30 -39.65
CA ASN A 96 5.15 1.23 -38.81
C ASN A 96 4.30 1.73 -37.63
N HIS A 97 4.04 3.03 -37.52
CA HIS A 97 3.31 3.58 -36.37
C HIS A 97 1.86 3.78 -36.80
N ILE A 98 0.97 2.92 -36.31
CA ILE A 98 -0.45 2.99 -36.65
C ILE A 98 -1.13 3.72 -35.51
N ILE A 99 -1.34 5.01 -35.68
CA ILE A 99 -1.80 5.84 -34.59
C ILE A 99 -3.10 6.52 -34.99
N ASN A 100 -4.08 6.45 -34.11
CA ASN A 100 -5.33 7.17 -34.29
C ASN A 100 -5.55 7.86 -32.96
N PRO A 101 -5.16 9.13 -32.82
CA PRO A 101 -5.27 9.78 -31.51
C PRO A 101 -6.70 10.01 -31.07
N ASN A 102 -7.69 9.76 -31.92
CA ASN A 102 -9.09 9.92 -31.53
C ASN A 102 -9.76 8.60 -31.20
N ALA A 103 -9.07 7.48 -31.37
CA ALA A 103 -9.63 6.19 -30.98
C ALA A 103 -9.60 6.05 -29.46
N PRO A 104 -10.61 5.42 -28.87
CA PRO A 104 -10.68 5.34 -27.42
C PRO A 104 -9.87 4.20 -26.83
N SER A 105 -9.27 3.36 -27.68
CA SER A 105 -8.44 2.26 -27.20
C SER A 105 -7.54 1.84 -28.34
N ALA A 106 -6.44 1.19 -27.99
CA ALA A 106 -5.56 0.65 -29.01
C ALA A 106 -6.21 -0.55 -29.67
N ALA A 107 -7.06 -1.26 -28.93
CA ALA A 107 -7.79 -2.37 -29.55
C ALA A 107 -8.68 -1.87 -30.69
N ARG A 108 -9.26 -0.68 -30.53
CA ARG A 108 -10.09 -0.15 -31.61
C ARG A 108 -9.25 0.20 -32.84
N VAL A 109 -8.03 0.70 -32.64
CA VAL A 109 -7.10 0.90 -33.76
C VAL A 109 -6.80 -0.42 -34.47
N VAL A 110 -6.51 -1.47 -33.69
CA VAL A 110 -6.24 -2.79 -34.27
C VAL A 110 -7.46 -3.26 -35.06
N TRP A 111 -8.65 -3.22 -34.42
CA TRP A 111 -9.91 -3.61 -35.06
C TRP A 111 -10.11 -2.91 -36.39
N GLU A 112 -9.95 -1.59 -36.41
CA GLU A 112 -10.21 -0.86 -37.65
C GLU A 112 -9.11 -1.09 -38.69
N HIS A 113 -7.86 -1.22 -38.26
CA HIS A 113 -6.75 -1.44 -39.19
C HIS A 113 -6.90 -2.72 -40.00
N TYR A 114 -7.40 -3.78 -39.36
CA TYR A 114 -7.53 -5.08 -40.01
C TYR A 114 -8.91 -5.33 -40.57
N GLY A 115 -9.79 -4.33 -40.58
CA GLY A 115 -11.00 -4.37 -41.37
C GLY A 115 -12.31 -4.51 -40.63
N GLY A 116 -12.32 -4.36 -39.31
CA GLY A 116 -13.58 -4.37 -38.55
C GLY A 116 -14.33 -5.69 -38.62
N THR A 117 -15.69 -5.59 -38.72
CA THR A 117 -16.54 -6.79 -38.61
C THR A 117 -16.43 -7.77 -39.77
N LYS A 118 -15.73 -7.43 -40.85
CA LYS A 118 -15.39 -8.47 -41.82
C LYS A 118 -14.38 -9.46 -41.25
N THR A 119 -13.40 -8.95 -40.52
CA THR A 119 -12.29 -9.80 -40.14
C THR A 119 -12.55 -10.48 -38.81
N PHE A 120 -13.31 -9.82 -37.95
CA PHE A 120 -13.57 -10.29 -36.62
C PHE A 120 -15.05 -10.58 -36.47
N PRO A 121 -15.40 -11.58 -35.65
CA PRO A 121 -16.82 -11.91 -35.44
C PRO A 121 -17.63 -10.67 -35.05
N PHE A 122 -18.80 -10.51 -35.67
CA PHE A 122 -19.63 -9.36 -35.32
C PHE A 122 -20.08 -9.41 -33.86
N GLU A 123 -20.16 -10.60 -33.25
CA GLU A 123 -20.49 -10.73 -31.83
C GLU A 123 -19.45 -10.07 -30.90
N TRP A 124 -18.23 -9.82 -31.35
CA TRP A 124 -17.24 -9.19 -30.49
C TRP A 124 -17.43 -7.69 -30.36
N VAL A 125 -18.45 -7.11 -31.00
CA VAL A 125 -18.64 -5.67 -30.86
C VAL A 125 -18.94 -5.31 -29.40
N GLU A 126 -19.52 -6.24 -28.64
CA GLU A 126 -19.79 -5.98 -27.24
C GLU A 126 -18.51 -5.91 -26.43
N MET A 127 -17.59 -6.86 -26.64
CA MET A 127 -16.26 -6.76 -26.06
C MET A 127 -15.59 -5.43 -26.43
N MET A 128 -15.69 -5.03 -27.70
CA MET A 128 -15.07 -3.80 -28.16
C MET A 128 -15.71 -2.57 -27.50
N GLU A 129 -17.04 -2.57 -27.37
CA GLU A 129 -17.71 -1.47 -26.67
C GLU A 129 -17.18 -1.31 -25.26
N ALA A 130 -16.94 -2.43 -24.57
CA ALA A 130 -16.44 -2.39 -23.21
C ALA A 130 -15.01 -1.89 -23.14
N VAL A 131 -14.16 -2.33 -24.05
CA VAL A 131 -12.75 -1.90 -23.97
C VAL A 131 -12.64 -0.42 -24.31
N ASP A 132 -13.54 0.11 -25.16
CA ASP A 132 -13.50 1.54 -25.45
C ASP A 132 -13.89 2.41 -24.26
N LYS A 133 -14.33 1.84 -23.15
CA LYS A 133 -14.67 2.70 -22.02
C LYS A 133 -13.49 3.03 -21.12
N GLY A 134 -12.37 2.32 -21.26
CA GLY A 134 -11.32 2.33 -20.26
C GLY A 134 -10.61 3.64 -20.04
N ASP A 135 -9.86 4.12 -21.03
CA ASP A 135 -9.04 5.31 -20.80
C ASP A 135 -9.91 6.54 -20.56
N SER A 136 -11.04 6.63 -21.25
CA SER A 136 -11.97 7.76 -21.07
C SER A 136 -12.85 7.60 -19.84
N ALA A 137 -12.84 6.43 -19.21
CA ALA A 137 -13.75 6.10 -18.11
C ALA A 137 -15.17 6.59 -18.38
N GLN A 138 -15.72 6.18 -19.54
CA GLN A 138 -17.09 6.53 -19.90
C GLN A 138 -18.03 5.47 -19.33
N PHE A 139 -18.21 5.51 -18.01
CA PHE A 139 -19.07 4.56 -17.32
C PHE A 139 -20.27 5.29 -16.72
N THR A 140 -21.37 4.55 -16.60
CA THR A 140 -22.44 5.05 -15.77
C THR A 140 -22.16 4.66 -14.31
N ARG A 141 -22.86 5.31 -13.38
CA ARG A 141 -22.72 4.95 -11.97
C ARG A 141 -23.08 3.50 -11.75
N ASP A 142 -24.14 3.01 -12.40
CA ASP A 142 -24.55 1.64 -12.12
C ASP A 142 -23.62 0.61 -12.72
N GLU A 143 -22.90 0.96 -13.80
CA GLU A 143 -21.91 0.06 -14.34
C GLU A 143 -20.72 -0.16 -13.41
N VAL A 144 -20.35 0.83 -12.58
CA VAL A 144 -19.15 0.64 -11.76
C VAL A 144 -19.48 0.04 -10.40
N LEU A 145 -20.72 0.09 -9.96
CA LEU A 145 -21.16 -0.60 -8.75
C LEU A 145 -21.72 -1.97 -9.11
N ASP A 146 -21.32 -3.02 -8.37
CA ASP A 146 -21.78 -4.38 -8.68
C ASP A 146 -21.64 -4.69 -10.17
N SER A 147 -20.44 -4.52 -10.68
CA SER A 147 -20.23 -4.64 -12.12
C SER A 147 -20.49 -6.08 -12.60
N THR A 148 -20.77 -6.20 -13.91
CA THR A 148 -21.08 -7.46 -14.55
C THR A 148 -20.37 -7.51 -15.91
N GLY A 149 -20.28 -8.71 -16.48
CA GLY A 149 -19.87 -8.84 -17.87
C GLY A 149 -18.48 -8.31 -18.12
N TRP A 150 -18.29 -7.68 -19.29
CA TRP A 150 -16.95 -7.24 -19.65
C TRP A 150 -16.44 -6.16 -18.69
N ASN A 151 -17.34 -5.29 -18.18
CA ASN A 151 -16.91 -4.27 -17.22
C ASN A 151 -16.30 -4.90 -15.99
N LEU A 152 -16.90 -5.98 -15.50
CA LEU A 152 -16.37 -6.67 -14.34
C LEU A 152 -14.97 -7.19 -14.61
N LEU A 153 -14.79 -7.90 -15.74
CA LEU A 153 -13.47 -8.40 -16.13
C LEU A 153 -12.45 -7.27 -16.22
N ASN A 154 -12.83 -6.17 -16.84
CA ASN A 154 -11.96 -5.00 -16.89
C ASN A 154 -11.46 -4.60 -15.50
N PHE A 155 -12.39 -4.40 -14.56
CA PHE A 155 -12.01 -3.96 -13.21
C PHE A 155 -11.24 -5.04 -12.47
N LEU A 156 -11.57 -6.32 -12.72
CA LEU A 156 -10.82 -7.43 -12.13
C LEU A 156 -9.37 -7.40 -12.55
N MET A 157 -9.11 -7.09 -13.81
CA MET A 157 -7.76 -7.14 -14.33
C MET A 157 -6.97 -5.86 -14.11
N ASP A 158 -7.64 -4.77 -13.73
CA ASP A 158 -6.98 -3.48 -13.51
C ASP A 158 -6.18 -3.53 -12.22
N ALA A 159 -4.87 -3.37 -12.34
CA ALA A 159 -4.00 -3.43 -11.18
C ALA A 159 -4.40 -2.40 -10.13
N ARG A 160 -4.95 -1.27 -10.55
CA ARG A 160 -5.39 -0.23 -9.63
C ARG A 160 -6.61 -0.64 -8.82
N THR A 161 -7.36 -1.67 -9.21
CA THR A 161 -8.36 -2.23 -8.31
C THR A 161 -7.72 -2.85 -7.07
N GLY A 162 -6.48 -3.33 -7.18
CA GLY A 162 -5.74 -3.81 -6.04
C GLY A 162 -5.94 -5.26 -5.66
N LEU A 163 -6.49 -6.09 -6.54
CA LEU A 163 -6.82 -7.46 -6.14
C LEU A 163 -5.58 -8.26 -5.73
N GLY A 164 -4.50 -8.17 -6.51
CA GLY A 164 -3.26 -8.84 -6.14
C GLY A 164 -2.36 -8.03 -5.24
N ASN A 168 -3.18 -13.54 -3.29
CA ASN A 168 -2.48 -14.81 -3.32
C ASN A 168 -3.25 -15.94 -4.01
N PHE A 169 -3.47 -15.82 -5.32
CA PHE A 169 -4.32 -16.75 -6.04
C PHE A 169 -3.53 -17.95 -6.55
N ARG A 170 -4.27 -18.97 -7.00
CA ARG A 170 -3.65 -20.19 -7.50
C ARG A 170 -2.66 -19.90 -8.63
N ILE A 171 -3.02 -18.96 -9.51
CA ILE A 171 -2.17 -18.63 -10.64
C ILE A 171 -1.99 -17.12 -10.71
N SER A 172 -0.82 -16.70 -11.20
CA SER A 172 -0.49 -15.29 -11.26
C SER A 172 -1.38 -14.55 -12.26
N ASN A 173 -1.54 -13.25 -12.03
CA ASN A 173 -2.29 -12.42 -12.98
C ASN A 173 -1.69 -12.51 -14.38
N TYR A 174 -0.37 -12.70 -14.46
CA TYR A 174 0.27 -12.99 -15.75
C TYR A 174 -0.37 -14.19 -16.43
N ASN A 175 -0.40 -15.32 -15.74
CA ASN A 175 -0.87 -16.53 -16.38
C ASN A 175 -2.37 -16.53 -16.59
N LEU A 176 -3.11 -15.90 -15.69
CA LEU A 176 -4.55 -15.76 -15.91
C LEU A 176 -4.81 -14.98 -17.19
N MET A 177 -4.10 -13.89 -17.39
CA MET A 177 -4.22 -13.14 -18.63
C MET A 177 -4.01 -14.05 -19.84
N MET A 178 -3.18 -15.09 -19.70
CA MET A 178 -2.93 -16.01 -20.82
C MET A 178 -4.10 -16.95 -21.06
N ALA A 179 -4.61 -17.58 -20.00
CA ALA A 179 -5.83 -18.36 -20.16
C ALA A 179 -6.97 -17.49 -20.70
N LEU A 180 -7.01 -16.22 -20.28
CA LEU A 180 -8.08 -15.35 -20.76
C LEU A 180 -7.96 -15.07 -22.26
N ILE A 181 -6.75 -14.84 -22.75
CA ILE A 181 -6.58 -14.56 -24.18
C ILE A 181 -7.15 -15.70 -25.04
N ASP A 182 -6.82 -16.96 -24.72
CA ASP A 182 -7.40 -18.06 -25.48
C ASP A 182 -8.92 -18.10 -25.34
N HIS A 183 -9.42 -18.04 -24.11
CA HIS A 183 -10.85 -18.26 -23.87
C HIS A 183 -11.69 -17.18 -24.54
N CYS A 184 -11.24 -15.93 -24.49
CA CYS A 184 -11.97 -14.86 -25.15
C CYS A 184 -12.11 -15.09 -26.65
N THR A 185 -11.24 -15.91 -27.26
CA THR A 185 -11.39 -16.16 -28.68
C THR A 185 -12.54 -17.12 -28.99
N HIS A 186 -13.16 -17.77 -28.00
CA HIS A 186 -14.18 -18.74 -28.39
C HIS A 186 -15.31 -18.90 -27.38
N ALA A 187 -15.15 -18.43 -26.15
CA ALA A 187 -16.19 -18.52 -25.15
C ALA A 187 -16.85 -17.16 -24.94
N SER A 188 -18.03 -17.19 -24.33
CA SER A 188 -18.79 -15.98 -24.03
C SER A 188 -18.34 -15.39 -22.69
N ILE A 189 -18.62 -14.09 -22.50
CA ILE A 189 -18.22 -13.44 -21.26
C ILE A 189 -18.82 -14.15 -20.05
N ASP A 190 -20.07 -14.62 -20.15
CA ASP A 190 -20.65 -15.32 -19.00
C ASP A 190 -19.92 -16.62 -18.72
N GLU A 191 -19.54 -17.34 -19.76
CA GLU A 191 -18.78 -18.57 -19.57
C GLU A 191 -17.41 -18.28 -18.98
N ILE A 192 -16.78 -17.18 -19.40
CA ILE A 192 -15.45 -16.82 -18.93
C ILE A 192 -15.48 -16.50 -17.44
N LEU A 193 -16.46 -15.69 -17.00
CA LEU A 193 -16.59 -15.37 -15.59
C LEU A 193 -16.89 -16.59 -14.72
N GLN A 194 -17.28 -17.73 -15.30
CA GLN A 194 -17.44 -18.98 -14.57
C GLN A 194 -16.20 -19.87 -14.55
N LEU A 195 -15.14 -19.51 -15.27
CA LEU A 195 -13.89 -20.29 -15.18
C LEU A 195 -13.34 -20.21 -13.76
N PRO A 196 -12.77 -21.30 -13.24
CA PRO A 196 -12.42 -21.35 -11.80
C PRO A 196 -11.45 -20.24 -11.38
N ASP A 197 -10.38 -20.03 -12.14
CA ASP A 197 -9.43 -18.98 -11.77
C ASP A 197 -10.03 -17.59 -11.87
N VAL A 198 -11.03 -17.38 -12.73
CA VAL A 198 -11.71 -16.09 -12.78
C VAL A 198 -12.73 -15.99 -11.65
N LYS A 199 -13.55 -17.03 -11.51
CA LYS A 199 -14.59 -17.02 -10.48
C LYS A 199 -14.01 -16.79 -9.09
N GLU A 200 -12.80 -17.27 -8.84
CA GLU A 200 -12.20 -17.02 -7.52
C GLU A 200 -11.80 -15.57 -7.36
N ARG A 201 -11.41 -14.90 -8.45
CA ARG A 201 -11.16 -13.47 -8.31
C ARG A 201 -12.48 -12.71 -8.16
N VAL A 202 -13.51 -13.14 -8.88
CA VAL A 202 -14.81 -12.45 -8.83
C VAL A 202 -15.37 -12.48 -7.41
N GLU A 203 -15.30 -13.65 -6.77
CA GLU A 203 -15.81 -13.74 -5.41
C GLU A 203 -15.07 -12.80 -4.48
N LEU A 204 -13.74 -12.70 -4.62
CA LEU A 204 -12.97 -11.78 -3.77
C LEU A 204 -13.32 -10.32 -4.07
N TYR A 205 -13.43 -9.99 -5.35
CA TYR A 205 -13.80 -8.64 -5.75
C TYR A 205 -15.14 -8.23 -5.16
N ARG A 206 -16.13 -9.12 -5.21
CA ARG A 206 -17.46 -8.81 -4.68
C ARG A 206 -17.42 -8.56 -3.18
N LYS A 207 -16.71 -9.39 -2.43
CA LYS A 207 -16.65 -9.21 -0.96
C LYS A 207 -15.91 -7.95 -0.59
N HIS A 208 -14.77 -7.70 -1.23
CA HIS A 208 -14.02 -6.47 -1.00
C HIS A 208 -14.80 -5.22 -1.39
N GLU A 209 -15.50 -5.26 -2.51
CA GLU A 209 -16.30 -4.09 -2.88
C GLU A 209 -17.35 -3.79 -1.82
N THR A 210 -17.96 -4.83 -1.25
CA THR A 210 -18.96 -4.61 -0.22
C THR A 210 -18.35 -3.88 0.97
N LEU A 211 -17.16 -4.33 1.41
CA LEU A 211 -16.52 -3.71 2.57
C LEU A 211 -15.98 -2.33 2.21
N PHE A 212 -15.50 -2.17 0.98
CA PHE A 212 -14.99 -0.89 0.51
C PHE A 212 -16.09 0.17 0.54
N LYS A 213 -17.26 -0.16 -0.01
CA LYS A 213 -18.35 0.80 -0.04
C LYS A 213 -18.77 1.19 1.36
N GLU A 214 -18.85 0.21 2.27
CA GLU A 214 -19.11 0.50 3.67
C GLU A 214 -18.10 1.49 4.25
N GLN A 215 -16.81 1.25 4.05
CA GLN A 215 -15.85 2.18 4.66
C GLN A 215 -15.81 3.53 3.94
N ILE A 216 -16.05 3.55 2.62
CA ILE A 216 -16.10 4.84 1.90
C ILE A 216 -17.26 5.71 2.41
N GLN A 217 -18.42 5.09 2.65
CA GLN A 217 -19.55 5.87 3.11
C GLN A 217 -19.45 6.27 4.58
N ARG A 218 -18.81 5.44 5.42
CA ARG A 218 -18.66 5.80 6.82
C ARG A 218 -17.48 6.76 7.04
N CYS A 219 -16.44 6.70 6.22
CA CYS A 219 -15.22 7.48 6.44
C CYS A 219 -15.14 8.74 5.59
N GLY A 220 -16.13 9.01 4.75
CA GLY A 220 -16.10 10.15 3.87
C GLY A 220 -16.88 11.30 4.47
N LYS A 221 -16.40 12.51 4.20
CA LYS A 221 -17.04 13.71 4.70
C LYS A 221 -17.09 14.68 3.53
N VAL A 222 -18.27 15.20 3.22
CA VAL A 222 -18.43 16.11 2.10
C VAL A 222 -18.19 17.54 2.58
N TYR A 223 -17.39 18.28 1.82
CA TYR A 223 -17.09 19.68 2.07
C TYR A 223 -17.45 20.39 0.77
N GLN A 224 -18.73 20.75 0.63
CA GLN A 224 -19.24 21.28 -0.63
C GLN A 224 -18.93 20.35 -1.81
N ASN A 225 -18.06 20.76 -2.74
CA ASN A 225 -17.85 19.99 -3.98
C ASN A 225 -16.89 18.82 -3.80
N LEU A 226 -16.34 18.62 -2.61
CA LEU A 226 -15.24 17.71 -2.39
C LEU A 226 -15.66 16.67 -1.38
N VAL A 227 -15.29 15.41 -1.59
CA VAL A 227 -15.37 14.42 -0.54
C VAL A 227 -13.96 14.07 -0.10
N LEU A 228 -13.75 14.12 1.20
CA LEU A 228 -12.47 13.73 1.77
C LEU A 228 -12.67 12.40 2.46
N LEU A 229 -11.87 11.42 2.09
CA LEU A 229 -11.99 10.07 2.58
C LEU A 229 -10.79 9.86 3.51
N ASP A 230 -11.02 9.92 4.81
CA ASP A 230 -9.93 9.77 5.78
C ASP A 230 -9.85 8.30 6.18
N LEU A 231 -8.88 7.60 5.62
CA LEU A 231 -8.72 6.18 5.89
C LEU A 231 -7.64 5.88 6.92
N THR A 232 -7.13 6.91 7.61
CA THR A 232 -5.98 6.68 8.47
C THR A 232 -6.30 5.83 9.70
N GLU A 233 -7.56 5.65 10.06
CA GLU A 233 -7.88 4.80 11.21
C GLU A 233 -8.46 3.43 10.82
N GLU A 234 -8.47 3.09 9.53
CA GLU A 234 -8.91 1.77 9.10
C GLU A 234 -7.76 0.78 9.18
N GLU A 235 -8.02 -0.41 9.75
CA GLU A 235 -7.01 -1.47 9.75
C GLU A 235 -6.74 -1.99 8.35
N THR A 236 -7.77 -2.06 7.53
CA THR A 236 -7.65 -2.61 6.19
C THR A 236 -8.28 -1.63 5.22
N ILE A 237 -7.62 -1.38 4.10
CA ILE A 237 -8.25 -0.72 2.97
C ILE A 237 -8.58 -1.80 1.94
N TYR A 238 -9.86 -1.91 1.60
CA TYR A 238 -10.32 -3.01 0.79
C TYR A 238 -10.10 -2.73 -0.69
N ALA A 239 -10.00 -3.80 -1.47
CA ALA A 239 -9.92 -3.64 -2.92
C ALA A 239 -11.26 -3.13 -3.45
N GLY A 240 -11.19 -2.14 -4.33
CA GLY A 240 -12.37 -1.68 -5.04
C GLY A 240 -11.94 -0.97 -6.30
N ASN A 241 -12.80 -0.95 -7.31
CA ASN A 241 -12.37 -0.27 -8.52
C ASN A 241 -12.30 1.22 -8.24
N ARG A 242 -11.53 1.92 -9.05
CA ARG A 242 -11.18 3.29 -8.76
C ARG A 242 -12.30 4.27 -9.02
N PHE A 243 -13.48 3.84 -9.46
CA PHE A 243 -14.58 4.78 -9.66
C PHE A 243 -15.67 4.69 -8.62
N ILE A 244 -15.62 3.71 -7.72
CA ILE A 244 -16.67 3.54 -6.71
C ILE A 244 -16.88 4.82 -5.93
N ILE A 245 -15.79 5.48 -5.51
CA ILE A 245 -15.93 6.65 -4.62
C ILE A 245 -16.77 7.72 -5.28
N TYR A 246 -16.54 7.97 -6.57
CA TYR A 246 -17.32 8.98 -7.28
C TYR A 246 -18.75 8.55 -7.46
N ALA A 247 -19.01 7.25 -7.53
CA ALA A 247 -20.36 6.79 -7.70
C ALA A 247 -21.15 6.85 -6.40
N LEU A 248 -20.47 6.84 -5.25
CA LEU A 248 -21.14 6.98 -3.96
C LEU A 248 -21.28 8.45 -3.54
N TYR A 249 -20.59 9.36 -4.20
CA TYR A 249 -20.69 10.79 -3.91
C TYR A 249 -20.93 11.53 -5.22
N PRO A 250 -22.07 11.29 -5.86
CA PRO A 250 -22.32 11.89 -7.18
C PRO A 250 -22.46 13.42 -7.12
N GLN A 251 -22.70 14.00 -5.95
CA GLN A 251 -22.77 15.45 -5.84
C GLN A 251 -21.39 16.11 -5.74
N CYS A 252 -20.31 15.34 -5.72
CA CYS A 252 -18.96 15.85 -5.60
C CYS A 252 -18.23 15.69 -6.92
N ASN A 253 -17.48 16.70 -7.31
CA ASN A 253 -16.71 16.57 -8.53
C ASN A 253 -15.23 16.25 -8.26
N ILE A 254 -14.84 16.05 -7.01
CA ILE A 254 -13.42 15.83 -6.71
C ILE A 254 -13.32 15.14 -5.35
N SER A 255 -12.28 14.33 -5.18
CA SER A 255 -12.07 13.53 -3.97
C SER A 255 -10.63 13.63 -3.50
N ILE A 256 -10.45 13.52 -2.18
CA ILE A 256 -9.13 13.34 -1.56
C ILE A 256 -9.16 12.07 -0.72
N HIS A 257 -8.22 11.17 -0.98
CA HIS A 257 -7.94 10.05 -0.08
C HIS A 257 -6.84 10.48 0.86
N LYS A 258 -7.08 10.37 2.15
CA LYS A 258 -6.06 10.62 3.17
C LYS A 258 -5.68 9.27 3.78
N MET A 259 -4.40 8.87 3.59
CA MET A 259 -3.94 7.51 3.87
C MET A 259 -2.56 7.56 4.50
N TRP A 260 -2.22 6.47 5.19
CA TRP A 260 -0.86 6.29 5.67
C TRP A 260 0.11 6.02 4.51
N GLY A 261 1.27 6.69 4.51
CA GLY A 261 2.34 6.32 3.62
C GLY A 261 3.15 5.15 4.13
N PHE A 262 4.31 4.96 3.50
CA PHE A 262 5.18 3.80 3.73
C PHE A 262 5.48 3.60 5.22
N GLN A 263 5.10 2.43 5.73
CA GLN A 263 5.35 2.07 7.12
C GLN A 263 4.84 3.16 8.07
N LYS A 264 3.74 3.82 7.70
CA LYS A 264 3.12 4.87 8.50
C LYS A 264 4.11 6.00 8.82
N GLN A 265 5.09 6.23 7.95
CA GLN A 265 6.10 7.27 8.24
C GLN A 265 5.61 8.67 7.94
N ASN A 266 4.65 8.80 7.05
CA ASN A 266 4.09 10.08 6.69
C ASN A 266 2.66 9.84 6.23
N ILE A 267 2.00 10.89 5.79
CA ILE A 267 0.60 10.88 5.37
C ILE A 267 0.56 11.15 3.87
N VAL A 268 -0.29 10.42 3.15
CA VAL A 268 -0.46 10.60 1.72
C VAL A 268 -1.84 11.17 1.46
N PHE A 269 -1.89 12.23 0.65
CA PHE A 269 -3.13 12.80 0.14
C PHE A 269 -3.13 12.53 -1.35
N ALA A 270 -4.14 11.81 -1.83
CA ALA A 270 -4.29 11.50 -3.24
C ALA A 270 -5.58 12.16 -3.70
N THR A 271 -5.49 13.02 -4.70
CA THR A 271 -6.62 13.85 -5.12
C THR A 271 -7.00 13.46 -6.54
N GLY A 272 -8.30 13.37 -6.82
CA GLY A 272 -8.76 12.93 -8.14
C GLY A 272 -10.10 13.55 -8.49
N LYS A 273 -10.31 13.79 -9.79
CA LYS A 273 -11.57 14.33 -10.28
C LYS A 273 -12.57 13.22 -10.54
N SER A 274 -13.86 13.58 -10.45
CA SER A 274 -14.91 12.60 -10.63
C SER A 274 -15.11 12.32 -12.12
N ILE A 275 -15.42 11.05 -12.47
CA ILE A 275 -15.76 10.71 -13.84
C ILE A 275 -17.25 10.89 -14.13
N PHE A 276 -18.08 11.08 -13.11
CA PHE A 276 -19.50 11.32 -13.30
C PHE A 276 -19.86 12.80 -13.29
N ASP A 277 -19.22 13.61 -12.46
CA ASP A 277 -19.37 15.07 -12.48
C ASP A 277 -17.99 15.64 -12.81
N ARG A 278 -17.74 15.87 -14.10
CA ARG A 278 -16.43 16.26 -14.61
C ARG A 278 -16.19 17.77 -14.54
N SER A 279 -16.86 18.48 -13.63
CA SER A 279 -16.83 19.94 -13.62
C SER A 279 -15.74 20.56 -12.74
N SER A 280 -14.87 19.78 -12.07
CA SER A 280 -13.94 20.38 -11.12
C SER A 280 -12.98 21.36 -11.78
N ARG A 281 -12.81 22.53 -11.14
CA ARG A 281 -11.98 23.62 -11.66
C ARG A 281 -10.57 23.62 -11.09
N THR A 282 -10.21 22.61 -10.31
CA THR A 282 -8.89 22.53 -9.72
C THR A 282 -7.92 21.89 -10.70
N ASN A 283 -6.71 22.46 -10.80
CA ASN A 283 -5.59 21.80 -11.46
C ASN A 283 -4.87 21.01 -10.37
N ILE A 284 -5.15 19.70 -10.29
CA ILE A 284 -4.68 18.94 -9.14
C ILE A 284 -3.17 18.85 -9.13
N GLY A 285 -2.56 18.45 -10.26
CA GLY A 285 -1.11 18.32 -10.31
C GLY A 285 -0.40 19.57 -9.85
N GLU A 286 -0.90 20.74 -10.24
CA GLU A 286 -0.26 21.99 -9.83
C GLU A 286 -0.50 22.25 -8.35
N LEU A 287 -1.68 21.87 -7.83
CA LEU A 287 -1.94 22.04 -6.40
C LEU A 287 -0.98 21.19 -5.56
N MET A 288 -0.82 19.91 -5.93
CA MET A 288 0.07 19.03 -5.17
C MET A 288 1.53 19.48 -5.25
N LEU A 289 1.91 20.14 -6.34
CA LEU A 289 3.30 20.54 -6.54
C LEU A 289 3.80 21.42 -5.40
N LYS A 290 2.93 22.25 -4.81
CA LYS A 290 3.37 23.12 -3.73
C LYS A 290 3.89 22.33 -2.54
N TYR A 291 3.43 21.08 -2.38
CA TYR A 291 3.78 20.26 -1.23
C TYR A 291 4.78 19.15 -1.58
N GLY A 292 5.50 19.30 -2.69
CA GLY A 292 6.48 18.31 -3.10
C GLY A 292 5.94 17.15 -3.88
N GLY A 293 4.66 17.16 -4.23
CA GLY A 293 4.05 16.11 -5.03
C GLY A 293 3.94 16.50 -6.49
N GLY A 294 2.88 16.02 -7.13
CA GLY A 294 2.67 16.31 -8.54
C GLY A 294 1.59 15.41 -9.10
N GLY A 295 1.37 15.51 -10.41
CA GLY A 295 0.41 14.69 -11.11
C GLY A 295 0.06 15.39 -12.41
N HIS A 296 -1.20 15.31 -12.86
CA HIS A 296 -1.67 16.16 -13.96
C HIS A 296 -2.93 16.89 -13.51
N ALA A 297 -3.62 17.55 -14.44
CA ALA A 297 -4.80 18.34 -14.06
C ALA A 297 -5.82 17.53 -13.28
N ALA A 298 -6.00 16.25 -13.62
CA ALA A 298 -7.12 15.46 -13.13
C ALA A 298 -6.79 14.50 -11.97
N ALA A 299 -5.53 14.39 -11.55
CA ALA A 299 -5.12 13.45 -10.52
C ALA A 299 -3.70 13.78 -10.08
N GLY A 300 -3.43 13.61 -8.80
CA GLY A 300 -2.09 13.85 -8.26
C GLY A 300 -2.07 13.42 -6.82
N THR A 301 -0.86 13.39 -6.25
CA THR A 301 -0.68 13.03 -4.85
C THR A 301 0.43 13.86 -4.23
N CYS A 302 0.52 13.82 -2.90
CA CYS A 302 1.65 14.40 -2.21
C CYS A 302 1.82 13.61 -0.92
N GLN A 303 3.03 13.67 -0.37
CA GLN A 303 3.36 13.04 0.89
C GLN A 303 3.69 14.12 1.90
N ILE A 304 3.08 14.04 3.07
CA ILE A 304 3.12 15.12 4.04
C ILE A 304 3.60 14.57 5.37
N ALA A 305 4.44 15.33 6.07
CA ALA A 305 4.86 14.92 7.41
C ALA A 305 3.66 14.89 8.35
N ILE A 306 3.71 13.92 9.29
CA ILE A 306 2.58 13.74 10.20
C ILE A 306 2.24 15.05 10.90
N GLU A 307 3.27 15.79 11.32
CA GLU A 307 3.07 17.06 12.01
C GLU A 307 2.50 18.16 11.11
N ASP A 308 2.56 18.03 9.78
CA ASP A 308 2.00 19.02 8.87
C ASP A 308 0.65 18.59 8.29
N ALA A 309 0.17 17.40 8.60
CA ALA A 309 -0.97 16.83 7.87
C ALA A 309 -2.25 17.61 8.11
N ASP A 310 -2.48 18.08 9.34
CA ASP A 310 -3.69 18.84 9.64
C ASP A 310 -3.71 20.16 8.90
N ARG A 311 -2.58 20.87 8.87
CA ARG A 311 -2.50 22.12 8.13
C ARG A 311 -2.70 21.91 6.64
N VAL A 312 -2.06 20.88 6.07
CA VAL A 312 -2.17 20.67 4.62
C VAL A 312 -3.58 20.19 4.24
N GLU A 313 -4.18 19.32 5.06
CA GLU A 313 -5.57 18.93 4.81
C GLU A 313 -6.46 20.16 4.68
N LYS A 314 -6.39 21.09 5.65
CA LYS A 314 -7.27 22.25 5.60
C LYS A 314 -6.94 23.13 4.40
N ALA A 315 -5.66 23.25 4.05
CA ALA A 315 -5.28 24.08 2.91
C ALA A 315 -5.77 23.50 1.59
N LEU A 316 -5.71 22.17 1.44
CA LEU A 316 -6.23 21.53 0.24
C LEU A 316 -7.74 21.73 0.12
N ILE A 317 -8.47 21.48 1.21
CA ILE A 317 -9.93 21.66 1.22
C ILE A 317 -10.30 23.10 0.86
N THR A 318 -9.65 24.06 1.53
CA THR A 318 -9.91 25.48 1.30
C THR A 318 -9.76 25.82 -0.17
N GLN A 319 -8.63 25.42 -0.75
CA GLN A 319 -8.34 25.77 -2.12
C GLN A 319 -9.29 25.08 -3.09
N ILE A 320 -9.51 23.78 -2.89
CA ILE A 320 -10.47 23.08 -3.75
C ILE A 320 -11.86 23.70 -3.62
N ASN A 321 -12.27 24.04 -2.39
CA ASN A 321 -13.58 24.69 -2.22
C ASN A 321 -13.62 26.06 -2.88
N ALA A 322 -12.52 26.80 -2.85
CA ALA A 322 -12.54 28.08 -3.52
C ALA A 322 -12.55 27.93 -5.04
N ASP A 323 -12.01 26.82 -5.58
CA ASP A 323 -12.01 26.61 -7.03
C ASP A 323 -13.39 26.21 -7.55
N GLY A 324 -14.16 25.45 -6.77
CA GLY A 324 -15.44 24.93 -7.23
C GLY A 324 -15.40 23.68 -8.13
N SER B 17 -10.41 -3.49 45.90
CA SER B 17 -11.48 -3.49 44.92
C SER B 17 -11.31 -2.41 43.86
N LEU B 18 -10.81 -1.25 44.27
CA LEU B 18 -10.70 -0.12 43.35
C LEU B 18 -9.69 -0.42 42.25
N LYS B 19 -10.09 -0.18 41.00
CA LYS B 19 -9.24 -0.43 39.85
C LYS B 19 -9.17 0.82 38.97
N TYR B 20 -8.22 0.82 38.03
CA TYR B 20 -7.91 1.96 37.18
C TYR B 20 -8.05 1.61 35.70
N ARG B 21 -8.17 2.65 34.89
CA ARG B 21 -8.20 2.51 33.44
C ARG B 21 -6.83 2.85 32.87
N LEU B 22 -6.28 1.94 32.08
CA LEU B 22 -5.01 2.19 31.43
C LEU B 22 -5.23 3.02 30.17
N VAL B 23 -4.50 4.12 30.04
CA VAL B 23 -4.51 4.92 28.83
C VAL B 23 -3.11 4.87 28.24
N THR B 24 -3.00 4.37 27.02
CA THR B 24 -1.68 4.16 26.42
C THR B 24 -1.79 4.11 24.88
N ARG B 25 -0.63 4.01 24.23
CA ARG B 25 -0.54 3.83 22.78
C ARG B 25 -0.81 2.40 22.38
N SER B 26 -1.38 2.23 21.19
CA SER B 26 -1.64 0.90 20.63
C SER B 26 -0.34 0.37 20.01
N ASP B 27 0.51 -0.23 20.84
CA ASP B 27 1.74 -0.83 20.38
C ASP B 27 2.21 -1.89 21.38
N PHE B 28 3.37 -2.48 21.11
CA PHE B 28 3.84 -3.60 21.91
C PHE B 28 4.15 -3.15 23.33
N ASP B 29 4.79 -1.99 23.49
CA ASP B 29 4.98 -1.40 24.79
C ASP B 29 3.66 -1.26 25.56
N GLY B 30 2.59 -0.83 24.87
CA GLY B 30 1.32 -0.69 25.53
C GLY B 30 0.69 -2.02 25.92
N LEU B 31 0.80 -3.02 25.03
CA LEU B 31 0.30 -4.36 25.36
C LEU B 31 0.98 -4.90 26.62
N VAL B 32 2.31 -4.78 26.69
CA VAL B 32 3.05 -5.30 27.83
C VAL B 32 2.72 -4.55 29.11
N CYS B 33 2.68 -3.21 29.05
CA CYS B 33 2.18 -2.43 30.17
C CYS B 33 0.86 -2.98 30.68
N ALA B 34 -0.11 -3.19 29.77
CA ALA B 34 -1.42 -3.68 30.19
C ALA B 34 -1.32 -5.07 30.81
N VAL B 35 -0.44 -5.91 30.29
CA VAL B 35 -0.28 -7.25 30.85
C VAL B 35 0.23 -7.15 32.28
N LEU B 36 1.19 -6.25 32.53
CA LEU B 36 1.75 -6.11 33.88
C LEU B 36 0.73 -5.54 34.84
N LEU B 37 0.05 -4.46 34.45
CA LEU B 37 -0.92 -3.85 35.37
C LEU B 37 -2.13 -4.76 35.58
N LYS B 38 -2.53 -5.54 34.56
CA LYS B 38 -3.64 -6.46 34.74
C LYS B 38 -3.24 -7.60 35.68
N SER B 39 -2.01 -8.08 35.56
CA SER B 39 -1.56 -9.21 36.38
C SER B 39 -1.60 -8.90 37.86
N ILE B 40 -1.27 -7.66 38.25
CA ILE B 40 -1.33 -7.31 39.66
C ILE B 40 -2.67 -6.66 39.99
N GLU B 41 -3.69 -6.97 39.17
CA GLU B 41 -5.09 -6.66 39.50
C GLU B 41 -5.32 -5.17 39.73
N LEU B 42 -4.61 -4.36 38.94
CA LEU B 42 -4.59 -2.91 39.13
C LEU B 42 -5.44 -2.16 38.12
N ILE B 43 -5.68 -2.72 36.94
CA ILE B 43 -6.53 -2.11 35.93
C ILE B 43 -7.67 -3.06 35.62
N ASP B 44 -8.82 -2.47 35.25
CA ASP B 44 -9.96 -3.25 34.77
C ASP B 44 -10.51 -2.70 33.46
N ASP B 45 -9.91 -1.64 32.93
CA ASP B 45 -10.30 -0.99 31.70
C ASP B 45 -9.03 -0.56 30.98
N ILE B 46 -9.13 -0.38 29.68
CA ILE B 46 -7.97 0.09 28.91
C ILE B 46 -8.51 0.93 27.77
N GLN B 47 -7.72 1.92 27.35
CA GLN B 47 -8.12 2.85 26.30
C GLN B 47 -6.89 3.20 25.48
N PHE B 48 -6.91 2.82 24.20
CA PHE B 48 -5.79 3.10 23.31
C PHE B 48 -6.04 4.43 22.62
N VAL B 49 -5.06 5.33 22.65
CA VAL B 49 -5.21 6.68 22.11
C VAL B 49 -4.00 7.05 21.28
N HIS B 50 -4.18 8.04 20.42
CA HIS B 50 -3.10 8.64 19.66
C HIS B 50 -2.38 9.70 20.49
N PRO B 51 -1.05 9.73 20.45
CA PRO B 51 -0.32 10.74 21.24
C PRO B 51 -0.80 12.17 20.99
N LYS B 52 -1.04 12.55 19.73
CA LYS B 52 -1.42 13.94 19.47
C LYS B 52 -2.83 14.25 19.97
N ASP B 53 -3.70 13.23 20.07
CA ASP B 53 -5.01 13.45 20.68
C ASP B 53 -4.85 13.76 22.17
N MET B 54 -3.88 13.11 22.81
CA MET B 54 -3.52 13.46 24.18
C MET B 54 -2.94 14.86 24.26
N GLN B 55 -2.00 15.20 23.37
CA GLN B 55 -1.39 16.53 23.38
C GLN B 55 -2.41 17.63 23.09
N ASP B 56 -3.42 17.33 22.28
CA ASP B 56 -4.41 18.33 21.87
C ASP B 56 -5.56 18.46 22.86
N GLY B 57 -5.74 17.51 23.77
CA GLY B 57 -6.80 17.60 24.77
C GLY B 57 -8.12 17.00 24.32
N LYS B 58 -8.07 15.89 23.57
CA LYS B 58 -9.26 15.17 23.15
C LYS B 58 -9.50 13.91 23.97
N VAL B 59 -8.58 13.53 24.84
CA VAL B 59 -8.74 12.37 25.70
C VAL B 59 -8.98 12.89 27.12
N PRO B 60 -10.20 12.82 27.64
CA PRO B 60 -10.42 13.18 29.05
C PRO B 60 -9.67 12.22 29.97
N ILE B 61 -8.90 12.78 30.91
CA ILE B 61 -8.09 12.01 31.85
C ILE B 61 -8.57 12.36 33.27
N THR B 62 -8.87 11.33 34.06
CA THR B 62 -9.32 11.47 35.44
C THR B 62 -8.26 10.89 36.39
N GLU B 63 -8.49 11.05 37.69
CA GLU B 63 -7.66 10.40 38.70
C GLU B 63 -7.91 8.90 38.79
N ARG B 64 -8.78 8.34 37.96
CA ARG B 64 -8.89 6.90 37.80
C ARG B 64 -8.17 6.41 36.54
N ASP B 65 -7.21 7.18 36.04
CA ASP B 65 -6.47 6.81 34.83
C ASP B 65 -5.00 6.60 35.15
N ILE B 66 -4.45 5.50 34.63
CA ILE B 66 -3.02 5.26 34.57
C ILE B 66 -2.57 5.48 33.14
N ILE B 67 -1.57 6.34 32.96
CA ILE B 67 -1.02 6.68 31.65
C ILE B 67 0.38 6.07 31.55
N THR B 68 0.64 5.35 30.45
CA THR B 68 2.01 4.92 30.14
C THR B 68 2.35 5.41 28.74
N ASN B 69 3.60 5.85 28.55
CA ASN B 69 4.16 6.05 27.22
C ASN B 69 3.46 7.19 26.46
N LEU B 70 2.90 8.14 27.19
CA LEU B 70 2.18 9.27 26.63
C LEU B 70 2.55 10.52 27.41
N PRO B 71 2.24 11.72 26.88
CA PRO B 71 2.60 12.95 27.60
C PRO B 71 1.89 13.07 28.94
N TYR B 72 2.51 13.83 29.84
CA TYR B 72 2.08 13.89 31.23
C TYR B 72 0.79 14.69 31.39
N VAL B 73 -0.13 14.19 32.24
CA VAL B 73 -1.36 14.87 32.63
C VAL B 73 -1.41 14.93 34.16
N ALA B 74 -1.71 16.12 34.70
CA ALA B 74 -1.49 16.35 36.13
C ALA B 74 -2.43 15.53 37.01
N ASN B 75 -3.71 15.42 36.65
CA ASN B 75 -4.69 14.78 37.52
C ASN B 75 -4.84 13.28 37.29
N ALA B 76 -3.88 12.63 36.64
CA ALA B 76 -3.92 11.18 36.52
C ALA B 76 -3.37 10.53 37.81
N HIS B 77 -3.79 9.28 38.04
CA HIS B 77 -3.30 8.55 39.22
C HIS B 77 -1.78 8.35 39.15
N LEU B 78 -1.31 7.79 38.04
CA LEU B 78 0.11 7.51 37.81
C LEU B 78 0.43 7.74 36.34
N VAL B 79 1.65 8.17 36.07
CA VAL B 79 2.13 8.36 34.71
C VAL B 79 3.52 7.75 34.61
N PHE B 80 3.66 6.71 33.79
CA PHE B 80 4.95 6.09 33.54
C PHE B 80 5.46 6.50 32.16
N ASP B 81 6.66 7.10 32.11
CA ASP B 81 7.24 7.43 30.80
C ASP B 81 8.75 7.23 30.83
N HIS B 82 9.36 7.38 29.63
CA HIS B 82 10.76 6.99 29.47
C HIS B 82 11.52 7.80 28.43
N HIS B 83 10.99 8.89 27.90
CA HIS B 83 11.68 9.61 26.83
C HIS B 83 12.59 10.72 27.40
N HIS B 97 3.93 10.82 38.78
CA HIS B 97 4.81 10.91 37.61
C HIS B 97 6.13 10.15 37.77
N ILE B 98 6.20 8.93 37.26
CA ILE B 98 7.38 8.08 37.39
C ILE B 98 8.07 8.00 36.04
N ILE B 99 9.20 8.69 35.88
CA ILE B 99 9.92 8.68 34.61
C ILE B 99 11.36 8.25 34.83
N ASN B 100 11.83 7.33 33.99
CA ASN B 100 13.23 6.94 33.90
C ASN B 100 13.63 7.07 32.44
N PRO B 101 14.31 8.15 32.05
CA PRO B 101 14.61 8.32 30.62
C PRO B 101 15.66 7.36 30.10
N ASN B 102 16.41 6.70 30.97
CA ASN B 102 17.32 5.64 30.56
C ASN B 102 16.65 4.27 30.48
N ALA B 103 15.32 4.21 30.68
CA ALA B 103 14.67 2.95 30.43
C ALA B 103 14.28 2.84 28.95
N PRO B 104 14.49 1.68 28.34
CA PRO B 104 14.23 1.54 26.89
C PRO B 104 12.74 1.47 26.55
N SER B 105 11.85 1.37 27.54
CA SER B 105 10.41 1.34 27.27
C SER B 105 9.68 1.74 28.54
N ALA B 106 8.41 2.12 28.38
CA ALA B 106 7.58 2.41 29.53
C ALA B 106 7.30 1.15 30.34
N ALA B 107 7.10 0.01 29.65
CA ALA B 107 6.93 -1.24 30.37
C ALA B 107 8.06 -1.48 31.36
N ARG B 108 9.30 -1.15 30.99
CA ARG B 108 10.43 -1.39 31.90
C ARG B 108 10.30 -0.55 33.16
N VAL B 109 9.82 0.69 33.02
CA VAL B 109 9.57 1.53 34.18
C VAL B 109 8.50 0.90 35.07
N VAL B 110 7.41 0.42 34.45
CA VAL B 110 6.37 -0.25 35.26
C VAL B 110 6.97 -1.46 35.96
N TRP B 111 7.70 -2.29 35.22
CA TRP B 111 8.39 -3.46 35.75
C TRP B 111 9.25 -3.12 36.98
N GLU B 112 10.21 -2.21 36.82
CA GLU B 112 11.11 -1.93 37.93
C GLU B 112 10.39 -1.23 39.07
N HIS B 113 9.37 -0.43 38.77
CA HIS B 113 8.67 0.31 39.81
C HIS B 113 7.91 -0.63 40.75
N TYR B 114 7.40 -1.75 40.23
CA TYR B 114 6.60 -2.67 41.02
C TYR B 114 7.39 -3.88 41.52
N GLY B 115 8.71 -3.89 41.32
CA GLY B 115 9.59 -4.90 41.88
C GLY B 115 10.28 -5.79 40.88
N GLY B 116 9.77 -5.87 39.65
CA GLY B 116 10.37 -6.80 38.73
C GLY B 116 10.05 -8.22 39.16
N THR B 117 11.03 -9.10 39.00
CA THR B 117 10.78 -10.50 39.32
C THR B 117 10.44 -10.72 40.80
N LYS B 118 10.59 -9.70 41.64
CA LYS B 118 10.01 -9.78 42.98
C LYS B 118 8.49 -9.87 42.91
N THR B 119 7.89 -9.27 41.89
CA THR B 119 6.44 -9.18 41.73
C THR B 119 5.90 -10.05 40.62
N PHE B 120 6.61 -10.15 39.51
CA PHE B 120 6.10 -10.77 38.29
C PHE B 120 6.77 -12.10 38.02
N PRO B 121 6.12 -12.99 37.29
CA PRO B 121 6.70 -14.31 37.01
C PRO B 121 8.03 -14.21 36.28
N PHE B 122 8.92 -15.15 36.62
CA PHE B 122 10.23 -15.22 35.99
C PHE B 122 10.12 -15.38 34.48
N GLU B 123 9.06 -16.03 33.99
CA GLU B 123 8.91 -16.23 32.55
C GLU B 123 8.83 -14.90 31.81
N TRP B 124 8.41 -13.84 32.49
CA TRP B 124 8.18 -12.56 31.83
C TRP B 124 9.45 -11.76 31.57
N VAL B 125 10.60 -12.21 32.09
CA VAL B 125 11.87 -11.55 31.76
C VAL B 125 12.11 -11.57 30.26
N GLU B 126 11.72 -12.65 29.59
CA GLU B 126 11.84 -12.69 28.14
C GLU B 126 10.82 -11.75 27.48
N MET B 127 9.65 -11.59 28.07
CA MET B 127 8.72 -10.56 27.60
C MET B 127 9.36 -9.19 27.69
N MET B 128 9.95 -8.89 28.86
CA MET B 128 10.63 -7.61 29.05
C MET B 128 11.82 -7.44 28.11
N GLU B 129 12.58 -8.52 27.87
CA GLU B 129 13.65 -8.46 26.88
C GLU B 129 13.12 -8.00 25.52
N ALA B 130 12.00 -8.58 25.08
CA ALA B 130 11.46 -8.26 23.77
C ALA B 130 10.90 -6.83 23.70
N VAL B 131 10.16 -6.39 24.73
CA VAL B 131 9.61 -5.04 24.67
C VAL B 131 10.74 -4.00 24.68
N ASP B 132 11.87 -4.32 25.32
CA ASP B 132 12.96 -3.34 25.42
C ASP B 132 13.70 -3.13 24.10
N LYS B 133 13.49 -3.99 23.10
CA LYS B 133 14.15 -3.83 21.81
C LYS B 133 13.29 -2.94 20.94
N SER B 136 14.22 0.61 20.79
CA SER B 136 15.53 1.15 20.42
C SER B 136 16.16 0.31 19.30
N ALA B 137 15.49 -0.79 18.96
CA ALA B 137 15.89 -1.66 17.84
C ALA B 137 17.27 -2.31 18.07
N GLN B 138 17.46 -2.90 19.25
CA GLN B 138 18.67 -3.64 19.60
C GLN B 138 18.57 -5.13 19.28
N PHE B 139 17.99 -5.45 18.13
CA PHE B 139 17.82 -6.82 17.68
C PHE B 139 19.11 -7.37 17.09
N THR B 140 19.18 -8.69 17.03
CA THR B 140 20.14 -9.39 16.19
C THR B 140 19.50 -9.68 14.83
N ARG B 141 20.34 -9.86 13.83
CA ARG B 141 19.83 -10.22 12.50
C ARG B 141 19.04 -11.52 12.58
N ASP B 142 19.57 -12.50 13.30
CA ASP B 142 18.86 -13.77 13.45
C ASP B 142 17.48 -13.59 14.06
N GLU B 143 17.32 -12.64 14.98
CA GLU B 143 16.07 -12.51 15.71
C GLU B 143 14.91 -12.11 14.82
N VAL B 144 15.19 -11.36 13.76
CA VAL B 144 14.13 -10.81 12.93
C VAL B 144 13.86 -11.66 11.69
N LEU B 145 14.68 -12.67 11.42
CA LEU B 145 14.40 -13.66 10.39
C LEU B 145 13.72 -14.85 11.06
N ASP B 146 12.56 -15.27 10.54
CA ASP B 146 11.82 -16.38 11.14
C ASP B 146 11.72 -16.19 12.66
N SER B 147 11.16 -15.06 13.06
CA SER B 147 11.08 -14.71 14.48
C SER B 147 10.23 -15.70 15.25
N THR B 148 10.48 -15.74 16.56
CA THR B 148 9.85 -16.66 17.50
C THR B 148 9.46 -15.91 18.77
N GLY B 149 8.63 -16.57 19.59
CA GLY B 149 8.33 -16.06 20.92
C GLY B 149 7.73 -14.67 20.94
N TRP B 150 8.22 -13.84 21.87
CA TRP B 150 7.68 -12.51 22.03
C TRP B 150 8.01 -11.61 20.84
N ASN B 151 9.20 -11.78 20.25
CA ASN B 151 9.53 -11.01 19.05
C ASN B 151 8.51 -11.26 17.94
N LEU B 152 8.14 -12.53 17.74
CA LEU B 152 7.17 -12.85 16.70
C LEU B 152 5.84 -12.19 16.99
N LEU B 153 5.38 -12.25 18.25
CA LEU B 153 4.12 -11.61 18.63
C LEU B 153 4.18 -10.12 18.38
N ASN B 154 5.28 -9.47 18.80
CA ASN B 154 5.48 -8.05 18.55
C ASN B 154 5.37 -7.71 17.06
N PHE B 155 6.11 -8.42 16.20
CA PHE B 155 6.11 -8.09 14.77
C PHE B 155 4.75 -8.35 14.12
N LEU B 156 4.08 -9.44 14.51
CA LEU B 156 2.84 -9.69 13.79
C LEU B 156 1.73 -8.77 14.23
N MET B 157 1.82 -8.14 15.43
CA MET B 157 0.83 -7.14 15.84
C MET B 157 1.13 -5.73 15.31
N ASP B 158 2.37 -5.46 14.94
CA ASP B 158 2.78 -4.11 14.56
C ASP B 158 2.13 -3.74 13.24
N ALA B 159 1.40 -2.61 13.21
CA ALA B 159 0.77 -2.18 11.98
C ALA B 159 1.76 -2.14 10.81
N ARG B 160 3.03 -1.80 11.08
CA ARG B 160 3.99 -1.57 9.98
C ARG B 160 4.43 -2.87 9.30
N THR B 161 4.27 -4.02 9.96
CA THR B 161 4.48 -5.30 9.32
C THR B 161 3.49 -5.53 8.19
N GLY B 162 2.30 -4.96 8.32
CA GLY B 162 1.32 -4.93 7.26
C GLY B 162 0.43 -6.15 7.16
N LEU B 163 0.37 -7.00 8.18
CA LEU B 163 -0.53 -8.14 8.12
C LEU B 163 -1.96 -7.70 7.81
N GLY B 164 -2.41 -6.63 8.45
CA GLY B 164 -3.80 -6.22 8.31
C GLY B 164 -4.14 -5.61 6.96
N ARG B 165 -3.16 -4.98 6.31
CA ARG B 165 -3.37 -4.54 4.94
C ARG B 165 -3.76 -5.71 4.04
N PHE B 166 -3.14 -6.86 4.27
CA PHE B 166 -3.14 -7.95 3.29
C PHE B 166 -4.20 -9.00 3.54
N HIS B 167 -5.01 -8.85 4.57
CA HIS B 167 -6.04 -9.84 4.85
C HIS B 167 -6.97 -9.28 5.91
N ASN B 168 -8.24 -9.66 5.79
CA ASN B 168 -9.21 -9.51 6.87
C ASN B 168 -9.19 -10.82 7.66
N PHE B 169 -8.73 -10.77 8.91
CA PHE B 169 -8.68 -11.99 9.71
C PHE B 169 -10.03 -12.24 10.36
N ARG B 170 -10.15 -13.39 11.03
CA ARG B 170 -11.38 -13.71 11.74
C ARG B 170 -11.81 -12.53 12.64
N ILE B 171 -10.91 -12.04 13.50
CA ILE B 171 -11.21 -10.86 14.30
C ILE B 171 -10.18 -9.77 14.02
N SER B 172 -10.55 -8.54 14.38
CA SER B 172 -9.75 -7.37 14.13
C SER B 172 -8.49 -7.40 14.97
N ASN B 173 -7.48 -6.63 14.54
CA ASN B 173 -6.27 -6.48 15.36
C ASN B 173 -6.57 -5.77 16.66
N TYR B 174 -7.47 -4.79 16.63
CA TYR B 174 -7.87 -4.13 17.87
C TYR B 174 -8.46 -5.13 18.85
N ASN B 175 -9.46 -5.89 18.39
CA ASN B 175 -10.08 -6.85 19.29
C ASN B 175 -9.11 -7.97 19.69
N LEU B 176 -8.11 -8.31 18.85
CA LEU B 176 -7.12 -9.29 19.31
C LEU B 176 -6.23 -8.74 20.41
N MET B 177 -5.74 -7.51 20.24
CA MET B 177 -4.97 -6.85 21.29
C MET B 177 -5.71 -6.89 22.62
N MET B 178 -7.00 -6.50 22.61
CA MET B 178 -7.84 -6.53 23.80
C MET B 178 -7.84 -7.90 24.45
N ALA B 179 -8.12 -8.95 23.66
CA ALA B 179 -8.18 -10.29 24.23
C ALA B 179 -6.83 -10.80 24.71
N LEU B 180 -5.74 -10.40 24.04
CA LEU B 180 -4.41 -10.86 24.45
C LEU B 180 -4.02 -10.40 25.84
N ILE B 181 -4.56 -9.27 26.31
CA ILE B 181 -4.11 -8.72 27.58
C ILE B 181 -4.36 -9.71 28.71
N ASP B 182 -5.59 -10.20 28.83
CA ASP B 182 -5.84 -11.12 29.92
C ASP B 182 -5.25 -12.51 29.66
N HIS B 183 -5.12 -12.91 28.40
CA HIS B 183 -4.65 -14.25 28.16
C HIS B 183 -3.15 -14.38 28.42
N CYS B 184 -2.40 -13.30 28.23
CA CYS B 184 -0.98 -13.28 28.55
C CYS B 184 -0.73 -13.35 30.05
N THR B 185 -1.74 -13.05 30.88
CA THR B 185 -1.53 -13.11 32.31
C THR B 185 -1.48 -14.53 32.84
N HIS B 186 -2.05 -15.49 32.12
CA HIS B 186 -2.11 -16.85 32.62
C HIS B 186 -1.76 -17.89 31.55
N ALA B 187 -1.06 -17.50 30.49
CA ALA B 187 -0.61 -18.47 29.51
C ALA B 187 0.82 -18.14 29.13
N SER B 188 1.55 -19.16 28.68
CA SER B 188 2.91 -18.97 28.20
C SER B 188 2.90 -18.42 26.78
N ILE B 189 4.08 -17.96 26.32
CA ILE B 189 4.17 -17.41 24.97
C ILE B 189 3.89 -18.51 23.94
N ASP B 190 4.39 -19.73 24.15
CA ASP B 190 4.14 -20.80 23.19
C ASP B 190 2.66 -21.16 23.14
N GLU B 191 1.94 -21.04 24.25
CA GLU B 191 0.50 -21.26 24.20
C GLU B 191 -0.19 -20.10 23.50
N ILE B 192 0.21 -18.87 23.85
CA ILE B 192 -0.35 -17.69 23.21
C ILE B 192 -0.24 -17.81 21.70
N LEU B 193 0.93 -18.23 21.22
CA LEU B 193 1.16 -18.37 19.78
C LEU B 193 0.32 -19.47 19.15
N GLN B 194 -0.21 -20.41 19.95
CA GLN B 194 -1.10 -21.46 19.49
C GLN B 194 -2.59 -21.07 19.49
N LEU B 195 -2.96 -19.94 20.08
CA LEU B 195 -4.36 -19.54 20.09
C LEU B 195 -4.86 -19.37 18.64
N PRO B 196 -6.08 -19.83 18.33
CA PRO B 196 -6.56 -19.75 16.92
C PRO B 196 -6.37 -18.40 16.24
N ASP B 197 -6.75 -17.31 16.90
CA ASP B 197 -6.69 -16.00 16.26
C ASP B 197 -5.27 -15.47 16.16
N VAL B 198 -4.33 -16.00 16.93
CA VAL B 198 -2.93 -15.63 16.77
C VAL B 198 -2.26 -16.49 15.72
N LYS B 199 -2.50 -17.80 15.80
CA LYS B 199 -1.86 -18.76 14.91
C LYS B 199 -2.25 -18.53 13.47
N GLU B 200 -3.49 -18.09 13.25
CA GLU B 200 -3.93 -17.62 11.95
C GLU B 200 -3.03 -16.51 11.43
N ARG B 201 -2.67 -15.55 12.30
CA ARG B 201 -1.75 -14.50 11.89
C ARG B 201 -0.32 -15.05 11.74
N VAL B 202 0.10 -15.94 12.62
CA VAL B 202 1.44 -16.53 12.49
C VAL B 202 1.59 -17.19 11.11
N GLU B 203 0.65 -18.06 10.76
CA GLU B 203 0.74 -18.76 9.48
C GLU B 203 0.83 -17.80 8.31
N LEU B 204 0.01 -16.75 8.30
CA LEU B 204 0.10 -15.77 7.21
C LEU B 204 1.45 -15.04 7.23
N TYR B 205 1.91 -14.68 8.43
CA TYR B 205 3.22 -14.01 8.57
C TYR B 205 4.35 -14.89 8.04
N ARG B 206 4.34 -16.19 8.38
CA ARG B 206 5.35 -17.11 7.87
C ARG B 206 5.30 -17.19 6.34
N LYS B 207 4.10 -17.41 5.79
CA LYS B 207 3.96 -17.53 4.35
C LYS B 207 4.49 -16.29 3.64
N HIS B 208 4.06 -15.11 4.11
CA HIS B 208 4.47 -13.89 3.45
C HIS B 208 5.96 -13.62 3.61
N GLU B 209 6.53 -13.97 4.76
CA GLU B 209 7.96 -13.71 4.96
C GLU B 209 8.78 -14.49 3.96
N THR B 210 8.45 -15.78 3.80
CA THR B 210 9.10 -16.63 2.79
C THR B 210 9.00 -16.03 1.40
N LEU B 211 7.81 -15.55 1.02
CA LEU B 211 7.64 -15.01 -0.32
C LEU B 211 8.30 -13.65 -0.46
N PHE B 212 8.33 -12.86 0.62
CA PHE B 212 9.02 -11.57 0.61
C PHE B 212 10.52 -11.75 0.47
N LYS B 213 11.08 -12.74 1.16
CA LYS B 213 12.52 -12.97 1.05
C LYS B 213 12.91 -13.46 -0.35
N GLU B 214 12.10 -14.31 -0.99
CA GLU B 214 12.45 -14.65 -2.36
C GLU B 214 12.25 -13.46 -3.30
N GLN B 215 11.23 -12.64 -3.05
CA GLN B 215 11.07 -11.38 -3.77
C GLN B 215 12.32 -10.52 -3.64
N ILE B 216 12.81 -10.32 -2.40
CA ILE B 216 14.03 -9.53 -2.20
C ILE B 216 15.19 -10.11 -2.99
N GLN B 217 15.34 -11.44 -3.00
CA GLN B 217 16.47 -12.03 -3.73
C GLN B 217 16.36 -11.78 -5.23
N ARG B 218 15.15 -11.66 -5.75
CA ARG B 218 14.92 -11.37 -7.16
C ARG B 218 15.05 -9.88 -7.49
N CYS B 219 14.71 -9.00 -6.53
CA CYS B 219 14.53 -7.57 -6.79
C CYS B 219 15.54 -6.65 -6.13
N GLY B 220 16.35 -7.16 -5.21
CA GLY B 220 17.28 -6.32 -4.48
C GLY B 220 18.58 -6.24 -5.23
N LYS B 221 19.12 -5.05 -5.36
CA LYS B 221 20.40 -4.82 -6.03
C LYS B 221 21.30 -4.05 -5.08
N VAL B 222 22.50 -4.57 -4.82
CA VAL B 222 23.46 -3.91 -3.94
C VAL B 222 24.32 -2.94 -4.75
N TYR B 223 24.48 -1.71 -4.25
CA TYR B 223 25.42 -0.74 -4.79
C TYR B 223 26.34 -0.30 -3.64
N GLN B 224 27.51 -0.94 -3.51
CA GLN B 224 28.39 -0.70 -2.35
C GLN B 224 27.66 -0.78 -1.00
N ASN B 225 27.51 0.36 -0.30
CA ASN B 225 26.87 0.36 1.02
C ASN B 225 25.33 0.36 0.98
N LEU B 226 24.73 0.43 -0.20
CA LEU B 226 23.29 0.65 -0.37
C LEU B 226 22.65 -0.57 -1.00
N VAL B 227 21.54 -1.06 -0.43
CA VAL B 227 20.73 -2.04 -1.15
C VAL B 227 19.49 -1.33 -1.66
N LEU B 228 19.21 -1.52 -2.94
CA LEU B 228 18.05 -0.93 -3.60
C LEU B 228 17.08 -2.06 -3.88
N LEU B 229 15.86 -1.91 -3.39
CA LEU B 229 14.82 -2.90 -3.57
C LEU B 229 13.79 -2.30 -4.53
N ASP B 230 13.83 -2.72 -5.79
CA ASP B 230 12.93 -2.21 -6.84
C ASP B 230 11.74 -3.14 -6.90
N LEU B 231 10.63 -2.72 -6.32
CA LEU B 231 9.42 -3.50 -6.33
C LEU B 231 8.49 -3.16 -7.49
N THR B 232 8.87 -2.25 -8.39
CA THR B 232 7.84 -1.72 -9.29
C THR B 232 7.49 -2.67 -10.42
N GLU B 233 8.09 -3.86 -10.47
CA GLU B 233 7.72 -4.86 -11.48
C GLU B 233 7.10 -6.11 -10.88
N GLU B 234 6.80 -6.10 -9.59
CA GLU B 234 6.22 -7.23 -8.89
C GLU B 234 4.71 -7.09 -8.82
N GLU B 235 3.99 -8.18 -9.12
CA GLU B 235 2.53 -8.17 -9.03
C GLU B 235 2.06 -7.88 -7.61
N THR B 236 2.67 -8.56 -6.64
CA THR B 236 2.27 -8.45 -5.25
C THR B 236 3.46 -8.00 -4.43
N ILE B 237 3.20 -7.19 -3.43
CA ILE B 237 4.15 -7.01 -2.36
C ILE B 237 3.63 -7.84 -1.20
N TYR B 238 4.54 -8.29 -0.36
CA TYR B 238 4.26 -9.18 0.74
C TYR B 238 4.50 -8.46 2.06
N ALA B 239 3.78 -8.90 3.08
CA ALA B 239 4.05 -8.43 4.43
C ALA B 239 5.37 -9.01 4.93
N GLY B 240 6.12 -8.20 5.64
CA GLY B 240 7.31 -8.69 6.32
C GLY B 240 7.72 -7.62 7.30
N ASN B 241 8.41 -8.02 8.36
CA ASN B 241 8.71 -6.99 9.32
C ASN B 241 9.76 -6.04 8.74
N ARG B 242 9.79 -4.84 9.30
CA ARG B 242 10.58 -3.78 8.72
C ARG B 242 12.10 -4.00 8.86
N PHE B 243 12.56 -5.07 9.50
CA PHE B 243 13.99 -5.30 9.60
C PHE B 243 14.51 -6.39 8.67
N ILE B 244 13.64 -7.06 7.91
CA ILE B 244 14.07 -8.17 7.07
C ILE B 244 15.14 -7.71 6.09
N ILE B 245 14.89 -6.60 5.39
CA ILE B 245 15.78 -6.21 4.31
C ILE B 245 17.19 -5.97 4.85
N TYR B 246 17.28 -5.36 6.04
CA TYR B 246 18.59 -5.05 6.61
C TYR B 246 19.29 -6.31 7.07
N ALA B 247 18.52 -7.26 7.61
CA ALA B 247 19.09 -8.51 8.07
C ALA B 247 19.68 -9.31 6.93
N LEU B 248 19.12 -9.16 5.73
CA LEU B 248 19.54 -9.96 4.58
C LEU B 248 20.72 -9.36 3.86
N TYR B 249 21.04 -8.09 4.13
CA TYR B 249 22.17 -7.41 3.51
C TYR B 249 22.99 -6.79 4.63
N PRO B 250 23.64 -7.61 5.46
CA PRO B 250 24.40 -7.06 6.59
C PRO B 250 25.60 -6.20 6.18
N GLN B 251 25.99 -6.21 4.90
CA GLN B 251 27.05 -5.37 4.39
C GLN B 251 26.58 -3.98 3.96
N CYS B 252 25.28 -3.72 3.93
CA CYS B 252 24.73 -2.42 3.60
C CYS B 252 24.30 -1.69 4.86
N ASN B 253 24.52 -0.38 4.87
CA ASN B 253 24.09 0.43 6.00
C ASN B 253 22.90 1.33 5.66
N ILE B 254 22.37 1.23 4.44
CA ILE B 254 21.22 2.03 4.05
C ILE B 254 20.47 1.27 2.95
N SER B 255 19.13 1.43 2.90
CA SER B 255 18.29 0.82 1.90
C SER B 255 17.41 1.86 1.24
N ILE B 256 17.07 1.62 -0.02
CA ILE B 256 16.00 2.33 -0.71
C ILE B 256 14.97 1.33 -1.18
N HIS B 257 13.69 1.53 -0.81
CA HIS B 257 12.57 0.85 -1.44
C HIS B 257 12.05 1.74 -2.56
N LYS B 258 11.98 1.20 -3.76
CA LYS B 258 11.39 1.90 -4.90
C LYS B 258 10.05 1.25 -5.19
N MET B 259 8.96 2.00 -5.03
CA MET B 259 7.61 1.42 -5.05
C MET B 259 6.66 2.30 -5.85
N TRP B 260 5.55 1.72 -6.27
CA TRP B 260 4.46 2.51 -6.86
C TRP B 260 3.80 3.35 -5.78
N GLY B 261 3.49 4.61 -6.11
CA GLY B 261 2.60 5.40 -5.28
C GLY B 261 1.15 4.98 -5.51
N PHE B 262 0.23 5.78 -4.97
CA PHE B 262 -1.19 5.47 -5.03
C PHE B 262 -1.67 5.25 -6.46
N GLN B 263 -2.35 4.12 -6.70
CA GLN B 263 -2.89 3.75 -8.02
C GLN B 263 -1.84 3.83 -9.13
N LYS B 264 -0.58 3.58 -8.78
CA LYS B 264 0.54 3.58 -9.71
C LYS B 264 0.67 4.91 -10.45
N GLN B 265 0.30 6.02 -9.80
CA GLN B 265 0.39 7.32 -10.46
C GLN B 265 1.78 7.93 -10.39
N ASN B 266 2.64 7.46 -9.48
CA ASN B 266 4.00 7.97 -9.39
C ASN B 266 4.85 6.92 -8.67
N ILE B 267 6.13 7.25 -8.44
CA ILE B 267 7.11 6.36 -7.84
C ILE B 267 7.52 6.91 -6.49
N VAL B 268 7.54 6.06 -5.48
CA VAL B 268 7.89 6.47 -4.13
C VAL B 268 9.24 5.84 -3.79
N PHE B 269 10.19 6.67 -3.36
CA PHE B 269 11.47 6.22 -2.85
C PHE B 269 11.45 6.36 -1.33
N ALA B 270 11.64 5.26 -0.60
CA ALA B 270 11.71 5.30 0.84
C ALA B 270 13.11 4.86 1.26
N THR B 271 13.84 5.75 1.93
CA THR B 271 15.23 5.51 2.31
C THR B 271 15.34 5.35 3.82
N GLY B 272 16.06 4.34 4.28
CA GLY B 272 16.22 4.13 5.71
C GLY B 272 17.60 3.60 6.02
N LYS B 273 18.09 3.94 7.22
CA LYS B 273 19.35 3.40 7.71
C LYS B 273 19.15 2.04 8.37
N SER B 274 20.16 1.18 8.27
CA SER B 274 20.12 -0.15 8.86
C SER B 274 20.31 -0.10 10.37
N ILE B 275 19.49 -0.82 11.12
CA ILE B 275 19.77 -0.98 12.55
C ILE B 275 20.94 -1.90 12.80
N PHE B 276 21.37 -2.69 11.81
CA PHE B 276 22.46 -3.63 12.01
C PHE B 276 23.82 -3.10 11.57
N ASP B 277 23.85 -2.04 10.75
CA ASP B 277 25.07 -1.29 10.49
C ASP B 277 24.67 0.18 10.53
N ARG B 278 24.92 0.84 11.66
CA ARG B 278 24.44 2.20 11.89
C ARG B 278 25.40 3.29 11.37
N SER B 279 26.34 2.94 10.50
CA SER B 279 27.42 3.85 10.15
C SER B 279 27.13 4.80 8.97
N SER B 280 25.91 4.83 8.45
CA SER B 280 25.68 5.63 7.24
C SER B 280 25.81 7.11 7.56
N ARG B 281 26.58 7.83 6.74
CA ARG B 281 26.79 9.27 6.89
C ARG B 281 25.78 10.11 6.12
N THR B 282 24.85 9.52 5.39
CA THR B 282 23.82 10.31 4.71
C THR B 282 22.81 10.85 5.73
N ASN B 283 22.54 12.16 5.67
CA ASN B 283 21.36 12.67 6.37
C ASN B 283 20.19 12.49 5.41
N ILE B 284 19.34 11.50 5.70
CA ILE B 284 18.34 11.12 4.71
C ILE B 284 17.29 12.22 4.55
N GLY B 285 16.84 12.80 5.66
CA GLY B 285 15.85 13.87 5.57
C GLY B 285 16.30 14.99 4.65
N GLU B 286 17.56 15.41 4.79
CA GLU B 286 18.08 16.51 3.97
C GLU B 286 18.18 16.10 2.50
N LEU B 287 18.61 14.86 2.26
CA LEU B 287 18.66 14.37 0.89
C LEU B 287 17.28 14.35 0.26
N MET B 288 16.30 13.75 0.94
CA MET B 288 14.93 13.71 0.42
C MET B 288 14.39 15.10 0.18
N LEU B 289 14.84 16.09 0.96
CA LEU B 289 14.37 17.46 0.77
C LEU B 289 14.64 17.96 -0.63
N LYS B 290 15.82 17.65 -1.19
CA LYS B 290 16.15 18.12 -2.53
C LYS B 290 15.08 17.71 -3.54
N TYR B 291 14.40 16.59 -3.29
CA TYR B 291 13.40 16.07 -4.21
C TYR B 291 11.96 16.30 -3.73
N GLY B 292 11.75 17.29 -2.86
CA GLY B 292 10.41 17.62 -2.42
C GLY B 292 9.86 16.73 -1.33
N GLY B 293 10.66 15.83 -0.76
CA GLY B 293 10.25 14.98 0.33
C GLY B 293 10.75 15.47 1.67
N GLY B 294 10.80 14.56 2.62
CA GLY B 294 11.26 14.91 3.95
C GLY B 294 11.63 13.65 4.70
N GLY B 295 11.70 13.76 6.02
CA GLY B 295 12.14 12.69 6.89
C GLY B 295 13.00 13.26 8.00
N HIS B 296 13.77 12.41 8.65
CA HIS B 296 14.81 12.89 9.57
C HIS B 296 16.15 12.30 9.12
N ALA B 297 17.15 12.35 9.99
CA ALA B 297 18.47 11.84 9.61
C ALA B 297 18.43 10.38 9.16
N ALA B 298 17.67 9.53 9.85
CA ALA B 298 17.76 8.08 9.63
C ALA B 298 16.68 7.50 8.71
N ALA B 299 15.67 8.28 8.31
CA ALA B 299 14.63 7.77 7.43
C ALA B 299 13.91 8.92 6.76
N GLY B 300 13.56 8.72 5.49
CA GLY B 300 12.84 9.72 4.73
C GLY B 300 12.20 9.09 3.50
N THR B 301 11.36 9.89 2.84
CA THR B 301 10.77 9.48 1.58
C THR B 301 10.69 10.66 0.62
N CYS B 302 10.49 10.34 -0.65
CA CYS B 302 10.14 11.32 -1.65
C CYS B 302 9.26 10.63 -2.68
N GLN B 303 8.62 11.43 -3.52
CA GLN B 303 7.65 10.99 -4.50
C GLN B 303 8.09 11.60 -5.81
N ILE B 304 8.23 10.77 -6.85
CA ILE B 304 8.87 11.19 -8.09
C ILE B 304 7.93 10.83 -9.24
N ALA B 305 7.80 11.77 -10.18
CA ALA B 305 7.01 11.45 -11.36
C ALA B 305 7.65 10.32 -12.13
N ILE B 306 6.82 9.57 -12.86
CA ILE B 306 7.30 8.37 -13.53
C ILE B 306 8.41 8.70 -14.54
N GLU B 307 8.22 9.76 -15.33
CA GLU B 307 9.23 10.14 -16.32
C GLU B 307 10.56 10.61 -15.72
N ASP B 308 10.61 10.91 -14.42
CA ASP B 308 11.85 11.34 -13.75
C ASP B 308 12.46 10.30 -12.83
N ALA B 309 11.76 9.19 -12.57
CA ALA B 309 12.18 8.27 -11.51
C ALA B 309 13.52 7.60 -11.79
N ASP B 310 13.82 7.30 -13.06
CA ASP B 310 15.10 6.69 -13.39
C ASP B 310 16.25 7.64 -13.10
N ARG B 311 16.10 8.91 -13.51
CA ARG B 311 17.11 9.93 -13.26
C ARG B 311 17.34 10.13 -11.76
N VAL B 312 16.27 10.19 -10.98
CA VAL B 312 16.40 10.47 -9.55
C VAL B 312 17.00 9.28 -8.82
N GLU B 313 16.65 8.06 -9.23
CA GLU B 313 17.25 6.85 -8.66
C GLU B 313 18.77 6.84 -8.82
N LYS B 314 19.24 7.13 -10.03
CA LYS B 314 20.68 7.19 -10.27
C LYS B 314 21.34 8.27 -9.40
N ALA B 315 20.69 9.43 -9.27
CA ALA B 315 21.25 10.51 -8.47
C ALA B 315 21.29 10.14 -6.98
N LEU B 316 20.20 9.58 -6.44
CA LEU B 316 20.22 9.12 -5.05
C LEU B 316 21.36 8.15 -4.82
N ILE B 317 21.51 7.17 -5.71
CA ILE B 317 22.53 6.14 -5.52
C ILE B 317 23.92 6.77 -5.51
N THR B 318 24.17 7.64 -6.50
CA THR B 318 25.44 8.34 -6.57
C THR B 318 25.72 9.10 -5.28
N GLN B 319 24.74 9.86 -4.78
CA GLN B 319 24.96 10.67 -3.60
C GLN B 319 25.21 9.82 -2.37
N ILE B 320 24.40 8.76 -2.18
CA ILE B 320 24.57 7.88 -1.02
C ILE B 320 25.92 7.14 -1.08
N ASN B 321 26.34 6.70 -2.27
CA ASN B 321 27.64 6.04 -2.37
C ASN B 321 28.77 7.02 -2.05
N ALA B 322 28.62 8.28 -2.46
CA ALA B 322 29.63 9.29 -2.15
C ALA B 322 29.74 9.52 -0.65
N ASP B 323 28.60 9.46 0.07
CA ASP B 323 28.60 9.68 1.51
C ASP B 323 29.25 8.53 2.28
N GLY B 324 29.14 7.31 1.77
CA GLY B 324 29.56 6.13 2.50
C GLY B 324 28.70 5.69 3.69
MN MN C . -4.45 3.74 -23.82
S SO4 D . -1.29 5.36 -17.06
O1 SO4 D . -1.80 6.55 -16.39
O2 SO4 D . 0.04 5.06 -16.52
O3 SO4 D . -1.19 5.64 -18.50
O4 SO4 D . -2.22 4.26 -16.83
S SO4 E . -0.64 -1.24 -15.58
O1 SO4 E . -0.10 -0.02 -14.96
O2 SO4 E . -2.10 -1.10 -15.61
O3 SO4 E . -0.26 -2.42 -14.77
O4 SO4 E . -0.14 -1.39 -16.95
MN MN F . 8.04 5.13 24.05
#